data_7YW2
#
_entry.id   7YW2
#
_cell.length_a   65.585
_cell.length_b   65.585
_cell.length_c   148.459
_cell.angle_alpha   90.000
_cell.angle_beta   90.000
_cell.angle_gamma   120.000
#
_symmetry.space_group_name_H-M   'P 31 2 1'
#
loop_
_entity.id
_entity.type
_entity.pdbx_description
1 polymer "tRNA 2'-phosphotransferase 1"
2 non-polymer '[[(2~{R},3~{S},4~{R},5~{R})-5-(6-aminopurin-9-yl)-3,4-bis(oxidanyl)oxolan-2-yl]methoxy-oxidanyl-phosphoryl] [(2~{R},3~{S},4~{R},5~{R})-3,4-bis(oxidanyl)-5-phosphonooxy-oxolan-2-yl]methyl hydrogen phosphate'
3 non-polymer GLYCEROL
4 non-polymer 'PHOSPHATE ION'
5 non-polymer '4-(2-HYDROXYETHYL)-1-PIPERAZINE ETHANESULFONIC ACID'
6 non-polymer GLYCINE
7 non-polymer sorbitol
8 water water
#
_entity_poly.entity_id   1
_entity_poly.type   'polypeptide(L)'
_entity_poly.pdbx_seq_one_letter_code
;MNAPGGRRKEGRRTHRPREQDRNVQLSKALSYALRHGALKLGLPMRADGFVPLQALLQLPQFHSFSIEDVQLVVNTNEKQ
RFTLQPGEPSTGLLIRANQGHSLQVPELELTPLETPQALPLTLVHGTFWKHWPSILLKGLSRQGRTHIHLASGLPGDPGV
ISGIRPNCEVAVFIDGPLALTDGIPFFCSANGVILTPGNAEGFLLPKYFKEALQLRPTRKPLSLAGDKETETQSGPKLSS
RGGRRKIQQ
;
_entity_poly.pdbx_strand_id   A
#
# COMPACT_ATOMS: atom_id res chain seq x y z
N GLU A 19 -2.23 -24.05 10.44
CA GLU A 19 -1.69 -23.65 9.15
C GLU A 19 -2.11 -22.22 8.76
N GLN A 20 -3.39 -21.89 8.94
CA GLN A 20 -3.85 -20.52 8.67
C GLN A 20 -3.11 -19.51 9.55
N ASP A 21 -2.69 -19.91 10.75
CA ASP A 21 -1.83 -19.07 11.59
C ASP A 21 -0.47 -18.88 10.94
N ARG A 22 0.15 -19.97 10.49
CA ARG A 22 1.49 -19.90 9.91
C ARG A 22 1.49 -19.07 8.64
N ASN A 23 0.47 -19.22 7.79
CA ASN A 23 0.40 -18.39 6.60
C ASN A 23 0.21 -16.92 6.96
N VAL A 24 -0.63 -16.62 7.95
CA VAL A 24 -0.76 -15.24 8.40
C VAL A 24 0.56 -14.78 9.01
N GLN A 25 1.21 -15.62 9.81
CA GLN A 25 2.47 -15.24 10.44
C GLN A 25 3.55 -14.99 9.41
N LEU A 26 3.65 -15.88 8.42
CA LEU A 26 4.60 -15.62 7.34
C LEU A 26 4.28 -14.32 6.63
N SER A 27 3.00 -14.05 6.37
CA SER A 27 2.62 -12.84 5.66
C SER A 27 3.03 -11.59 6.44
N LYS A 28 2.81 -11.58 7.76
CA LYS A 28 3.24 -10.44 8.58
C LYS A 28 4.76 -10.33 8.66
N ALA A 29 5.47 -11.46 8.74
CA ALA A 29 6.92 -11.38 8.74
C ALA A 29 7.44 -10.88 7.39
N LEU A 30 6.81 -11.30 6.30
CA LEU A 30 7.17 -10.80 4.98
C LEU A 30 6.89 -9.31 4.87
N SER A 31 5.67 -8.88 5.22
CA SER A 31 5.34 -7.45 5.23
C SER A 31 6.40 -6.62 5.95
N TYR A 32 6.72 -7.01 7.18
CA TYR A 32 7.67 -6.22 7.96
C TYR A 32 9.01 -6.11 7.25
N ALA A 33 9.58 -7.27 6.89
CA ALA A 33 10.92 -7.32 6.30
C ALA A 33 10.98 -6.58 4.98
N LEU A 34 9.94 -6.70 4.17
CA LEU A 34 9.99 -6.18 2.81
C LEU A 34 9.57 -4.73 2.69
N ARG A 35 8.84 -4.20 3.68
CA ARG A 35 8.36 -2.80 3.68
C ARG A 35 9.20 -1.88 4.56
N HIS A 36 9.69 -2.39 5.67
CA HIS A 36 10.26 -1.60 6.77
C HIS A 36 11.61 -2.09 7.25
N GLY A 37 11.79 -3.41 7.41
CA GLY A 37 12.94 -3.90 8.15
C GLY A 37 14.19 -4.23 7.36
N ALA A 38 14.11 -4.26 6.02
CA ALA A 38 15.17 -4.88 5.22
C ALA A 38 16.55 -4.37 5.60
N LEU A 39 16.67 -3.06 5.80
CA LEU A 39 17.98 -2.49 6.09
C LEU A 39 18.44 -2.88 7.49
N LYS A 40 17.55 -2.81 8.47
CA LYS A 40 17.91 -3.24 9.82
C LYS A 40 18.28 -4.71 9.85
N LEU A 41 17.66 -5.52 8.99
CA LEU A 41 17.90 -6.95 8.99
C LEU A 41 19.17 -7.33 8.23
N GLY A 42 19.82 -6.39 7.54
CA GLY A 42 20.97 -6.73 6.74
C GLY A 42 20.66 -7.32 5.40
N LEU A 43 19.42 -7.18 4.93
CA LEU A 43 19.02 -7.75 3.64
C LEU A 43 19.55 -6.89 2.50
N PRO A 44 19.99 -7.49 1.41
CA PRO A 44 20.45 -6.76 0.23
C PRO A 44 19.29 -6.37 -0.70
N MET A 45 18.56 -5.34 -0.32
CA MET A 45 17.38 -4.96 -1.07
C MET A 45 17.69 -3.88 -2.10
N ARG A 46 17.09 -4.02 -3.28
CA ARG A 46 17.37 -3.15 -4.40
C ARG A 46 16.48 -1.89 -4.34
N ALA A 47 16.87 -0.90 -5.14
CA ALA A 47 16.08 0.33 -5.21
C ALA A 47 14.65 0.06 -5.65
N ASP A 48 14.38 -1.06 -6.31
CA ASP A 48 13.05 -1.41 -6.75
C ASP A 48 12.30 -2.28 -5.75
N GLY A 49 12.81 -2.42 -4.53
CA GLY A 49 12.11 -3.15 -3.49
C GLY A 49 12.26 -4.65 -3.52
N PHE A 50 12.93 -5.20 -4.53
CA PHE A 50 13.14 -6.64 -4.61
C PHE A 50 14.35 -7.04 -3.77
N VAL A 51 14.27 -8.21 -3.13
CA VAL A 51 15.38 -8.81 -2.39
C VAL A 51 15.45 -10.29 -2.75
N PRO A 52 16.64 -10.89 -2.91
CA PRO A 52 16.71 -12.34 -3.18
C PRO A 52 16.01 -13.10 -2.07
N LEU A 53 15.08 -13.97 -2.48
CA LEU A 53 14.33 -14.75 -1.49
C LEU A 53 15.29 -15.59 -0.63
N GLN A 54 16.30 -16.18 -1.27
CA GLN A 54 17.27 -16.99 -0.53
C GLN A 54 17.94 -16.18 0.58
N ALA A 55 18.24 -14.91 0.35
CA ALA A 55 18.84 -14.13 1.44
C ALA A 55 17.83 -13.89 2.56
N LEU A 56 16.55 -13.77 2.21
CA LEU A 56 15.55 -13.53 3.23
C LEU A 56 15.28 -14.81 4.03
N LEU A 57 15.11 -15.93 3.34
CA LEU A 57 14.86 -17.21 3.99
C LEU A 57 16.02 -17.66 4.86
N GLN A 58 17.19 -17.03 4.76
CA GLN A 58 18.27 -17.42 5.66
C GLN A 58 18.33 -16.52 6.88
N LEU A 59 17.36 -15.58 7.04
CA LEU A 59 17.21 -14.89 8.32
C LEU A 59 16.58 -15.83 9.34
N PRO A 60 17.06 -15.79 10.61
CA PRO A 60 16.56 -16.75 11.60
C PRO A 60 15.04 -16.79 11.75
N GLN A 61 14.35 -15.65 11.63
CA GLN A 61 12.90 -15.68 11.79
C GLN A 61 12.18 -16.38 10.64
N PHE A 62 12.89 -16.71 9.55
CA PHE A 62 12.28 -17.41 8.43
C PHE A 62 12.74 -18.85 8.31
N HIS A 63 13.54 -19.35 9.25
CA HIS A 63 14.15 -20.67 9.12
C HIS A 63 13.11 -21.80 9.06
N SER A 64 11.91 -21.57 9.59
CA SER A 64 10.85 -22.58 9.60
C SER A 64 10.06 -22.60 8.30
N PHE A 65 10.29 -21.68 7.37
CA PHE A 65 9.49 -21.58 6.16
C PHE A 65 10.28 -22.07 4.95
N SER A 66 9.56 -22.69 4.03
CA SER A 66 10.12 -23.18 2.77
C SER A 66 9.77 -22.22 1.63
N ILE A 67 10.35 -22.51 0.46
CA ILE A 67 9.97 -21.78 -0.72
C ILE A 67 8.49 -22.02 -1.06
N GLU A 68 8.04 -23.28 -0.96
CA GLU A 68 6.62 -23.58 -1.17
C GLU A 68 5.74 -22.79 -0.23
N ASP A 69 6.14 -22.67 1.06
CA ASP A 69 5.39 -21.83 2.00
C ASP A 69 5.25 -20.40 1.48
N VAL A 70 6.36 -19.84 0.99
CA VAL A 70 6.33 -18.46 0.52
C VAL A 70 5.49 -18.34 -0.74
N GLN A 71 5.68 -19.26 -1.69
CA GLN A 71 4.83 -19.27 -2.88
C GLN A 71 3.36 -19.28 -2.50
N LEU A 72 2.98 -20.11 -1.54
CA LEU A 72 1.56 -20.24 -1.20
C LEU A 72 1.03 -18.94 -0.61
N VAL A 73 1.79 -18.29 0.27
CA VAL A 73 1.32 -17.03 0.84
C VAL A 73 1.26 -15.96 -0.24
N VAL A 74 2.24 -15.92 -1.13
CA VAL A 74 2.22 -14.91 -2.19
C VAL A 74 1.03 -15.15 -3.11
N ASN A 75 0.81 -16.40 -3.51
CA ASN A 75 -0.25 -16.69 -4.46
C ASN A 75 -1.64 -16.49 -3.87
N THR A 76 -1.80 -16.57 -2.54
CA THR A 76 -3.15 -16.62 -1.98
C THR A 76 -3.51 -15.48 -1.05
N ASN A 77 -2.58 -14.61 -0.64
CA ASN A 77 -3.01 -13.59 0.31
C ASN A 77 -3.96 -12.64 -0.40
N GLU A 78 -5.04 -12.30 0.30
CA GLU A 78 -6.18 -11.62 -0.30
CA GLU A 78 -6.18 -11.62 -0.32
C GLU A 78 -5.82 -10.24 -0.84
N LYS A 79 -4.93 -9.53 -0.16
CA LYS A 79 -4.56 -8.20 -0.59
C LYS A 79 -3.46 -8.19 -1.65
N GLN A 80 -3.03 -9.39 -2.11
CA GLN A 80 -1.94 -9.54 -3.09
CA GLN A 80 -1.96 -9.51 -3.10
C GLN A 80 -0.77 -8.63 -2.75
N ARG A 81 -0.32 -8.74 -1.49
CA ARG A 81 0.72 -7.87 -0.97
C ARG A 81 2.09 -8.04 -1.65
N PHE A 82 2.36 -9.18 -2.29
CA PHE A 82 3.73 -9.53 -2.66
C PHE A 82 3.83 -9.86 -4.12
N THR A 83 4.99 -9.57 -4.71
CA THR A 83 5.33 -10.11 -6.01
C THR A 83 6.56 -10.99 -5.85
N LEU A 84 6.50 -12.17 -6.43
CA LEU A 84 7.60 -13.12 -6.42
C LEU A 84 7.90 -13.46 -7.88
N GLN A 85 9.16 -13.30 -8.30
CA GLN A 85 9.50 -13.52 -9.71
C GLN A 85 10.92 -14.05 -9.81
N PRO A 86 11.26 -14.70 -10.93
CA PRO A 86 12.64 -15.17 -11.10
C PRO A 86 13.59 -14.02 -11.35
N GLY A 87 14.78 -14.13 -10.74
CA GLY A 87 15.86 -13.20 -10.94
C GLY A 87 16.99 -13.78 -11.76
N GLU A 88 18.14 -13.11 -11.70
CA GLU A 88 19.39 -13.49 -12.39
C GLU A 88 19.69 -14.97 -12.13
N PRO A 89 20.36 -15.67 -13.06
CA PRO A 89 20.63 -17.11 -12.85
C PRO A 89 21.22 -17.43 -11.48
N SER A 90 22.27 -16.72 -11.06
CA SER A 90 22.91 -17.05 -9.79
C SER A 90 22.00 -16.77 -8.60
N THR A 91 20.99 -15.93 -8.76
CA THR A 91 20.31 -15.38 -7.59
C THR A 91 19.05 -16.15 -7.20
N GLY A 92 18.33 -16.72 -8.14
CA GLY A 92 17.07 -17.35 -7.80
C GLY A 92 15.92 -16.34 -7.72
N LEU A 93 14.88 -16.75 -6.97
CA LEU A 93 13.65 -15.98 -6.88
C LEU A 93 13.85 -14.63 -6.19
N LEU A 94 13.14 -13.61 -6.68
CA LEU A 94 13.13 -12.30 -6.02
C LEU A 94 11.74 -12.04 -5.45
N ILE A 95 11.68 -11.36 -4.31
CA ILE A 95 10.41 -11.04 -3.69
C ILE A 95 10.44 -9.59 -3.21
N ARG A 96 9.26 -8.96 -3.24
CA ARG A 96 9.04 -7.59 -2.83
C ARG A 96 7.64 -7.46 -2.27
N ALA A 97 7.44 -6.43 -1.46
CA ALA A 97 6.10 -5.91 -1.18
C ALA A 97 5.71 -4.95 -2.29
N ASN A 98 4.45 -5.02 -2.74
CA ASN A 98 4.02 -4.21 -3.87
C ASN A 98 3.76 -2.74 -3.50
N GLN A 99 3.61 -2.42 -2.21
CA GLN A 99 3.46 -1.04 -1.76
C GLN A 99 3.62 -1.04 -0.24
N GLY A 100 3.54 0.15 0.33
CA GLY A 100 3.47 0.31 1.77
C GLY A 100 4.79 0.56 2.44
N HIS A 101 5.86 0.74 1.67
CA HIS A 101 7.20 0.84 2.24
C HIS A 101 7.37 2.09 3.10
N SER A 102 8.08 1.94 4.20
CA SER A 102 8.79 3.05 4.81
C SER A 102 10.22 3.15 4.30
N LEU A 103 10.76 2.07 3.74
CA LEU A 103 12.07 2.13 3.14
C LEU A 103 12.03 2.93 1.85
N GLN A 104 13.19 3.42 1.44
CA GLN A 104 13.33 4.17 0.19
C GLN A 104 13.48 3.16 -0.94
N VAL A 105 12.42 2.98 -1.72
CA VAL A 105 12.47 2.10 -2.88
C VAL A 105 12.00 2.89 -4.09
N PRO A 106 12.79 3.89 -4.54
CA PRO A 106 12.29 4.82 -5.56
C PRO A 106 12.00 4.17 -6.91
N GLU A 107 12.63 3.05 -7.23
CA GLU A 107 12.41 2.39 -8.51
C GLU A 107 11.32 1.32 -8.47
N LEU A 108 10.61 1.17 -7.35
CA LEU A 108 9.48 0.26 -7.27
C LEU A 108 8.57 0.41 -8.48
N GLU A 109 8.23 -0.72 -9.09
CA GLU A 109 7.46 -0.68 -10.33
C GLU A 109 6.00 -0.31 -10.04
N LEU A 110 5.59 0.84 -10.56
CA LEU A 110 4.25 1.37 -10.36
C LEU A 110 3.75 1.90 -11.70
N THR A 111 2.46 1.75 -11.96
CA THR A 111 1.87 2.39 -13.13
C THR A 111 1.56 3.85 -12.84
N PRO A 112 2.16 4.80 -13.54
CA PRO A 112 1.79 6.20 -13.35
C PRO A 112 0.39 6.46 -13.87
N LEU A 113 -0.37 7.26 -13.13
CA LEU A 113 -1.74 7.61 -13.52
C LEU A 113 -1.81 9.12 -13.76
N GLU A 114 -1.75 9.52 -15.02
CA GLU A 114 -1.34 10.86 -15.42
C GLU A 114 -2.46 11.69 -16.03
N THR A 115 -3.61 11.10 -16.30
CA THR A 115 -4.79 11.74 -16.86
C THR A 115 -6.01 11.43 -16.00
N PRO A 116 -7.07 12.25 -16.09
CA PRO A 116 -8.33 11.86 -15.43
C PRO A 116 -8.83 10.47 -15.82
N GLN A 117 -8.57 10.08 -17.08
CA GLN A 117 -9.08 8.81 -17.61
C GLN A 117 -8.47 7.62 -16.89
N ALA A 118 -7.19 7.73 -16.51
CA ALA A 118 -6.48 6.64 -15.83
C ALA A 118 -6.81 6.54 -14.36
N LEU A 119 -7.44 7.58 -13.77
CA LEU A 119 -7.83 7.46 -12.38
C LEU A 119 -9.06 6.58 -12.26
N PRO A 120 -9.22 5.88 -11.15
CA PRO A 120 -10.50 5.23 -10.86
C PRO A 120 -11.59 6.28 -10.63
N LEU A 121 -12.83 5.94 -10.99
CA LEU A 121 -13.93 6.88 -10.80
C LEU A 121 -14.07 7.31 -9.34
N THR A 122 -13.84 6.39 -8.42
CA THR A 122 -13.89 6.66 -6.99
C THR A 122 -12.47 6.55 -6.41
N LEU A 123 -12.06 7.57 -5.68
CA LEU A 123 -10.73 7.64 -5.06
C LEU A 123 -10.94 8.08 -3.62
N VAL A 124 -10.70 7.16 -2.68
CA VAL A 124 -11.16 7.35 -1.31
C VAL A 124 -10.07 6.89 -0.33
N HIS A 125 -9.91 7.63 0.75
CA HIS A 125 -9.02 7.25 1.84
C HIS A 125 -9.84 6.96 3.09
N GLY A 126 -9.68 5.76 3.64
CA GLY A 126 -10.36 5.39 4.86
C GLY A 126 -9.46 5.65 6.07
N THR A 127 -10.07 6.18 7.12
CA THR A 127 -9.32 6.56 8.30
C THR A 127 -10.26 6.55 9.50
N PHE A 128 -9.85 7.20 10.59
CA PHE A 128 -10.46 7.01 11.90
C PHE A 128 -10.72 8.35 12.56
N TRP A 129 -11.69 8.36 13.48
CA TRP A 129 -12.03 9.60 14.17
C TRP A 129 -10.82 10.19 14.86
N LYS A 130 -9.92 9.34 15.38
CA LYS A 130 -8.77 9.85 16.13
C LYS A 130 -7.93 10.83 15.31
N HIS A 131 -7.86 10.63 13.99
CA HIS A 131 -7.05 11.46 13.11
C HIS A 131 -7.86 12.51 12.36
N TRP A 132 -9.19 12.51 12.54
CA TRP A 132 -10.03 13.30 11.65
C TRP A 132 -9.78 14.79 11.84
N PRO A 133 -9.75 15.36 13.05
CA PRO A 133 -9.41 16.78 13.18
C PRO A 133 -8.08 17.17 12.54
N SER A 134 -7.04 16.34 12.70
CA SER A 134 -5.73 16.68 12.13
C SER A 134 -5.76 16.61 10.60
N ILE A 135 -6.48 15.64 10.05
CA ILE A 135 -6.60 15.53 8.60
C ILE A 135 -7.35 16.74 8.02
N LEU A 136 -8.47 17.13 8.64
CA LEU A 136 -9.20 18.31 8.17
C LEU A 136 -8.34 19.56 8.24
N LEU A 137 -7.45 19.62 9.22
CA LEU A 137 -6.62 20.79 9.39
C LEU A 137 -5.47 20.81 8.39
N LYS A 138 -4.68 19.74 8.33
CA LYS A 138 -3.45 19.76 7.55
C LYS A 138 -3.53 19.02 6.22
N GLY A 139 -4.62 18.29 5.97
CA GLY A 139 -4.66 17.36 4.85
C GLY A 139 -4.14 15.97 5.22
N LEU A 140 -4.29 15.06 4.28
CA LEU A 140 -3.74 13.73 4.43
C LEU A 140 -2.23 13.78 4.35
N SER A 141 -1.55 13.01 5.20
CA SER A 141 -0.09 12.96 5.22
C SER A 141 0.36 11.53 4.97
N ARG A 142 1.45 11.37 4.22
CA ARG A 142 2.00 10.03 4.01
C ARG A 142 2.48 9.40 5.31
N GLN A 143 2.73 10.21 6.34
CA GLN A 143 3.06 9.73 7.69
C GLN A 143 4.37 8.95 7.59
N GLY A 144 4.46 7.74 8.15
CA GLY A 144 5.75 7.06 8.14
C GLY A 144 6.10 6.40 6.83
N ARG A 145 5.25 6.50 5.82
CA ARG A 145 5.41 5.73 4.60
C ARG A 145 5.77 6.63 3.45
N THR A 146 6.05 5.99 2.33
CA THR A 146 6.44 6.70 1.14
C THR A 146 5.24 7.34 0.46
N HIS A 147 4.07 6.71 0.57
CA HIS A 147 2.87 7.14 -0.15
C HIS A 147 1.65 7.17 0.76
N ILE A 148 0.83 8.21 0.59
CA ILE A 148 -0.56 8.17 1.00
C ILE A 148 -1.27 7.03 0.26
N HIS A 149 -1.99 6.21 1.01
CA HIS A 149 -2.67 5.05 0.43
C HIS A 149 -4.15 5.36 0.20
N LEU A 150 -4.60 5.18 -1.04
CA LEU A 150 -5.98 5.42 -1.47
C LEU A 150 -6.51 4.17 -2.18
N ALA A 151 -7.83 3.99 -2.15
CA ALA A 151 -8.46 2.84 -2.78
C ALA A 151 -9.49 3.30 -3.80
N SER A 152 -9.85 2.41 -4.72
CA SER A 152 -10.82 2.75 -5.76
C SER A 152 -12.26 2.47 -5.33
N GLY A 153 -12.50 2.30 -4.04
CA GLY A 153 -13.83 2.03 -3.53
C GLY A 153 -13.76 1.81 -2.03
N LEU A 154 -14.94 1.73 -1.42
CA LEU A 154 -15.07 1.40 -0.01
C LEU A 154 -14.82 -0.08 0.20
N PRO A 155 -14.51 -0.50 1.44
CA PRO A 155 -14.38 -1.94 1.71
C PRO A 155 -15.61 -2.69 1.20
N GLY A 156 -15.35 -3.80 0.51
CA GLY A 156 -16.39 -4.62 -0.07
C GLY A 156 -16.71 -4.33 -1.52
N ASP A 157 -16.40 -3.12 -2.02
CA ASP A 157 -16.78 -2.75 -3.39
C ASP A 157 -16.03 -3.61 -4.41
N PRO A 158 -16.54 -3.70 -5.64
CA PRO A 158 -15.92 -4.58 -6.64
C PRO A 158 -14.52 -4.11 -7.03
N GLY A 159 -13.58 -5.06 -7.06
CA GLY A 159 -12.23 -4.75 -7.48
C GLY A 159 -11.36 -4.11 -6.42
N VAL A 160 -11.84 -3.99 -5.19
CA VAL A 160 -11.07 -3.41 -4.10
C VAL A 160 -10.50 -4.57 -3.30
N ILE A 161 -9.25 -4.94 -3.59
CA ILE A 161 -8.61 -5.98 -2.80
C ILE A 161 -7.66 -5.39 -1.75
N SER A 162 -7.15 -4.18 -1.95
CA SER A 162 -6.39 -3.52 -0.89
C SER A 162 -6.46 -2.01 -1.08
N GLY A 163 -5.80 -1.28 -0.16
CA GLY A 163 -5.75 0.17 -0.22
C GLY A 163 -6.68 0.89 0.75
N ILE A 164 -7.54 0.17 1.47
CA ILE A 164 -8.40 0.79 2.48
C ILE A 164 -8.63 -0.24 3.58
N ARG A 165 -8.42 0.18 4.82
CA ARG A 165 -8.60 -0.74 5.94
C ARG A 165 -10.08 -1.07 6.11
N PRO A 166 -10.41 -2.34 6.37
CA PRO A 166 -11.82 -2.71 6.50
C PRO A 166 -12.53 -2.11 7.71
N ASN A 167 -11.81 -1.70 8.77
CA ASN A 167 -12.45 -1.24 9.99
C ASN A 167 -12.53 0.29 10.08
N CYS A 168 -12.38 0.99 8.96
CA CYS A 168 -12.35 2.44 8.99
C CYS A 168 -13.68 3.00 9.49
N GLU A 169 -13.60 4.12 10.20
CA GLU A 169 -14.77 4.81 10.69
C GLU A 169 -15.20 5.97 9.79
N VAL A 170 -14.26 6.60 9.10
CA VAL A 170 -14.57 7.69 8.18
C VAL A 170 -13.82 7.47 6.89
N ALA A 171 -14.38 7.98 5.80
CA ALA A 171 -13.76 7.96 4.49
C ALA A 171 -13.83 9.37 3.89
N VAL A 172 -12.71 9.85 3.36
CA VAL A 172 -12.67 11.11 2.64
C VAL A 172 -12.39 10.79 1.18
N PHE A 173 -13.24 11.31 0.30
CA PHE A 173 -13.10 11.11 -1.14
C PHE A 173 -12.26 12.22 -1.73
N ILE A 174 -11.40 11.85 -2.65
CA ILE A 174 -10.37 12.73 -3.21
C ILE A 174 -10.78 13.14 -4.61
N ASP A 175 -10.57 14.42 -4.93
CA ASP A 175 -10.79 14.92 -6.27
C ASP A 175 -9.53 14.64 -7.07
N GLY A 176 -9.47 13.45 -7.64
CA GLY A 176 -8.34 13.04 -8.44
C GLY A 176 -7.92 14.06 -9.48
N PRO A 177 -8.82 14.40 -10.42
CA PRO A 177 -8.43 15.34 -11.49
C PRO A 177 -7.93 16.70 -11.00
N LEU A 178 -8.59 17.29 -10.01
CA LEU A 178 -8.10 18.53 -9.39
C LEU A 178 -6.64 18.39 -8.97
N ALA A 179 -6.35 17.39 -8.15
CA ALA A 179 -4.99 17.21 -7.67
C ALA A 179 -4.02 17.00 -8.83
N LEU A 180 -4.47 16.31 -9.89
CA LEU A 180 -3.60 16.12 -11.05
C LEU A 180 -3.23 17.45 -11.67
N THR A 181 -4.21 18.35 -11.82
CA THR A 181 -3.95 19.66 -12.43
C THR A 181 -2.93 20.44 -11.63
N ASP A 182 -3.05 20.39 -10.30
CA ASP A 182 -2.17 21.09 -9.38
C ASP A 182 -0.80 20.43 -9.27
N GLY A 183 -0.56 19.35 -10.00
CA GLY A 183 0.74 18.73 -10.06
C GLY A 183 0.93 17.51 -9.19
N ILE A 184 -0.04 17.13 -8.36
CA ILE A 184 0.11 15.94 -7.51
C ILE A 184 0.13 14.68 -8.36
N PRO A 185 1.18 13.85 -8.26
CA PRO A 185 1.24 12.62 -9.05
C PRO A 185 0.57 11.44 -8.34
N PHE A 186 -0.03 10.57 -9.13
CA PHE A 186 -0.63 9.36 -8.60
C PHE A 186 -0.07 8.13 -9.29
N PHE A 187 -0.15 6.99 -8.61
CA PHE A 187 0.36 5.73 -9.13
C PHE A 187 -0.56 4.60 -8.69
N CYS A 188 -0.60 3.55 -9.50
CA CYS A 188 -1.35 2.34 -9.18
C CYS A 188 -0.33 1.22 -8.91
N SER A 189 -0.44 0.59 -7.74
CA SER A 189 0.44 -0.52 -7.41
C SER A 189 -0.05 -1.80 -8.08
N ALA A 190 0.77 -2.85 -8.00
CA ALA A 190 0.41 -4.12 -8.64
C ALA A 190 -0.87 -4.71 -8.05
N ASN A 191 -1.11 -4.53 -6.74
CA ASN A 191 -2.36 -4.98 -6.13
C ASN A 191 -3.46 -3.90 -6.14
N GLY A 192 -3.34 -2.88 -6.98
CA GLY A 192 -4.45 -1.98 -7.22
C GLY A 192 -4.58 -0.83 -6.24
N VAL A 193 -3.55 -0.57 -5.44
CA VAL A 193 -3.59 0.57 -4.52
C VAL A 193 -3.19 1.82 -5.28
N ILE A 194 -3.95 2.89 -5.11
CA ILE A 194 -3.60 4.20 -5.66
C ILE A 194 -2.72 4.93 -4.65
N LEU A 195 -1.55 5.35 -5.10
CA LEU A 195 -0.53 5.91 -4.24
C LEU A 195 -0.18 7.30 -4.71
N THR A 196 0.03 8.21 -3.76
CA THR A 196 0.51 9.51 -4.11
C THR A 196 1.53 9.91 -3.05
N PRO A 197 2.69 10.42 -3.46
CA PRO A 197 3.64 10.97 -2.50
C PRO A 197 3.19 12.29 -1.91
N GLY A 198 2.07 12.82 -2.40
CA GLY A 198 1.58 14.09 -1.91
C GLY A 198 2.41 15.21 -2.50
N ASN A 199 2.32 16.37 -1.85
CA ASN A 199 3.09 17.50 -2.35
C ASN A 199 4.49 17.44 -1.77
N ALA A 200 5.15 18.59 -1.70
CA ALA A 200 6.57 18.62 -1.33
C ALA A 200 6.79 18.13 0.09
N GLU A 201 5.79 18.31 0.96
CA GLU A 201 5.92 17.99 2.37
C GLU A 201 5.28 16.66 2.74
N GLY A 202 4.82 15.89 1.75
CA GLY A 202 4.14 14.63 2.01
C GLY A 202 2.65 14.75 2.28
N PHE A 203 1.99 15.82 1.81
CA PHE A 203 0.61 16.12 2.18
C PHE A 203 -0.29 16.20 0.95
N LEU A 204 -1.52 15.71 1.11
CA LEU A 204 -2.60 15.94 0.15
C LEU A 204 -3.54 16.93 0.84
N LEU A 205 -3.41 18.19 0.46
CA LEU A 205 -4.02 19.28 1.20
C LEU A 205 -5.55 19.17 1.12
N PRO A 206 -6.29 19.74 2.10
CA PRO A 206 -7.75 19.60 2.09
C PRO A 206 -8.43 20.22 0.87
N LYS A 207 -7.72 21.05 0.10
CA LYS A 207 -8.24 21.56 -1.18
C LYS A 207 -8.81 20.44 -2.05
N TYR A 208 -8.32 19.21 -1.87
CA TYR A 208 -8.67 18.11 -2.75
C TYR A 208 -9.70 17.16 -2.14
N PHE A 209 -10.31 17.52 -1.02
CA PHE A 209 -11.32 16.64 -0.41
C PHE A 209 -12.66 16.88 -1.09
N LYS A 210 -13.12 15.89 -1.87
CA LYS A 210 -14.36 16.04 -2.62
C LYS A 210 -15.58 15.91 -1.71
N GLU A 211 -15.60 14.89 -0.85
CA GLU A 211 -16.66 14.72 0.12
C GLU A 211 -16.14 13.80 1.23
N ALA A 212 -16.98 13.60 2.23
CA ALA A 212 -16.65 12.74 3.36
C ALA A 212 -17.87 11.92 3.74
N LEU A 213 -17.62 10.75 4.32
CA LEU A 213 -18.69 9.82 4.62
C LEU A 213 -18.32 9.11 5.93
N GLN A 214 -19.25 9.08 6.87
CA GLN A 214 -19.09 8.24 8.05
C GLN A 214 -19.47 6.82 7.67
N LEU A 215 -18.62 5.86 8.02
CA LEU A 215 -18.89 4.46 7.74
C LEU A 215 -19.30 3.66 8.97
N ARG A 216 -18.87 4.07 10.15
CA ARG A 216 -19.19 3.34 11.36
C ARG A 216 -19.69 4.31 12.42
N PRO A 217 -20.76 3.96 13.14
CA PRO A 217 -21.42 2.64 13.11
C PRO A 217 -22.28 2.39 11.87
N THR A 218 -22.83 3.46 11.30
CA THR A 218 -23.64 3.40 10.08
C THR A 218 -23.04 4.32 9.02
N ARG A 219 -23.54 4.19 7.80
CA ARG A 219 -23.19 5.13 6.76
C ARG A 219 -24.04 6.39 6.93
N LYS A 220 -23.39 7.55 6.95
CA LYS A 220 -23.99 8.87 7.11
C LYS A 220 -23.08 9.84 6.39
N PRO A 221 -23.60 10.83 5.68
CA PRO A 221 -22.72 11.85 5.11
C PRO A 221 -22.09 12.70 6.22
N LEU A 222 -20.98 13.34 5.88
CA LEU A 222 -20.21 14.17 6.81
C LEU A 222 -19.78 15.44 6.10
N SER A 223 -19.79 16.57 6.82
CA SER A 223 -19.50 17.87 6.22
C SER A 223 -18.02 18.18 6.33
N LEU A 224 -17.47 18.71 5.24
CA LEU A 224 -16.06 19.03 5.14
C LEU A 224 -15.77 20.44 5.65
#